data_4OUF
#
_entry.id   4OUF
#
_cell.length_a   121.790
_cell.length_b   121.790
_cell.length_c   40.710
_cell.angle_alpha   90.00
_cell.angle_beta   90.00
_cell.angle_gamma   120.00
#
_symmetry.space_group_name_H-M   'H 3'
#
loop_
_entity.id
_entity.type
_entity.pdbx_description
1 polymer 'CREB-binding protein'
2 non-polymer DI(HYDROXYETHYL)ETHER
3 non-polymer 1,2-ETHANEDIOL
4 water water
#
_entity_poly.entity_id   1
_entity_poly.type   'polypeptide(L)'
_entity_poly.pdbx_seq_one_letter_code
;KKIFKPEELRQALMPTLEALYRQDPESLPFRQPVDPQLLGIPDYFDIVKNPMDLSTIKRKLDTGQYQEPWQYVDDVWLMF
NNAWLYNRKTSRVYKFCSKLAEVFEQEIDPVMQSLG
;
_entity_poly.pdbx_strand_id   A,B
#
loop_
_chem_comp.id
_chem_comp.type
_chem_comp.name
_chem_comp.formula
EDO non-polymer 1,2-ETHANEDIOL 'C2 H6 O2'
PEG non-polymer DI(HYDROXYETHYL)ETHER 'C4 H10 O3'
#
# COMPACT_ATOMS: atom_id res chain seq x y z
N LYS A 2 15.89 15.21 4.93
CA LYS A 2 15.01 14.41 5.78
C LYS A 2 14.54 13.16 5.04
N ILE A 3 14.84 12.00 5.60
CA ILE A 3 14.41 10.73 5.02
C ILE A 3 13.39 10.06 5.94
N PHE A 4 12.24 9.74 5.37
CA PHE A 4 11.13 9.19 6.13
C PHE A 4 11.21 7.67 6.21
N LYS A 5 10.86 7.16 7.38
CA LYS A 5 10.76 5.73 7.62
C LYS A 5 9.40 5.31 7.11
N PRO A 6 9.35 4.22 6.33
CA PRO A 6 8.09 3.93 5.64
C PRO A 6 6.92 3.70 6.58
N GLU A 7 7.12 2.97 7.66
CA GLU A 7 6.04 2.63 8.57
C GLU A 7 5.59 3.86 9.39
N GLU A 8 6.52 4.77 9.65
CA GLU A 8 6.18 6.01 10.35
C GLU A 8 5.36 6.92 9.44
N LEU A 9 5.74 7.00 8.18
CA LEU A 9 4.97 7.79 7.22
C LEU A 9 3.56 7.21 7.07
N ARG A 10 3.45 5.90 6.95
CA ARG A 10 2.15 5.24 6.90
C ARG A 10 1.30 5.56 8.12
N GLN A 11 1.86 5.43 9.31
CA GLN A 11 1.11 5.68 10.54
C GLN A 11 0.62 7.13 10.64
N ALA A 12 1.46 8.05 10.20
CA ALA A 12 1.14 9.46 10.31
C ALA A 12 0.00 9.83 9.36
N LEU A 13 0.03 9.26 8.16
CA LEU A 13 -0.94 9.64 7.12
C LEU A 13 -2.22 8.81 7.16
N MET A 14 -2.16 7.59 7.66
CA MET A 14 -3.31 6.69 7.60
C MET A 14 -4.60 7.30 8.15
N PRO A 15 -4.53 8.05 9.26
CA PRO A 15 -5.81 8.56 9.79
C PRO A 15 -6.48 9.51 8.81
N THR A 16 -5.71 10.20 7.98
CA THR A 16 -6.31 11.13 7.03
C THR A 16 -7.05 10.32 5.96
N LEU A 17 -6.51 9.18 5.58
CA LEU A 17 -7.15 8.31 4.59
C LEU A 17 -8.37 7.63 5.20
N GLU A 18 -8.27 7.23 6.45
CA GLU A 18 -9.40 6.63 7.15
C GLU A 18 -10.55 7.62 7.24
N ALA A 19 -10.21 8.89 7.45
CA ALA A 19 -11.23 9.93 7.53
C ALA A 19 -12.06 9.98 6.24
N LEU A 20 -11.41 9.77 5.11
CA LEU A 20 -12.12 9.75 3.82
C LEU A 20 -13.03 8.52 3.72
N TYR A 21 -12.48 7.34 4.00
CA TYR A 21 -13.30 6.13 3.97
C TYR A 21 -14.51 6.20 4.93
N ARG A 22 -14.40 6.96 6.00
CA ARG A 22 -15.45 7.03 7.01
C ARG A 22 -16.68 7.75 6.45
N GLN A 23 -16.49 8.52 5.39
CA GLN A 23 -17.61 9.28 4.86
C GLN A 23 -18.57 8.35 4.08
N ASP A 24 -19.78 8.21 4.59
CA ASP A 24 -20.80 7.38 3.98
C ASP A 24 -22.05 8.26 3.86
N PRO A 25 -22.51 8.53 2.63
CA PRO A 25 -22.20 7.84 1.37
C PRO A 25 -21.05 8.42 0.53
N GLU A 26 -20.40 9.49 1.00
CA GLU A 26 -19.60 10.28 0.07
C GLU A 26 -18.36 9.58 -0.45
N SER A 27 -17.82 8.63 0.30
CA SER A 27 -16.66 7.92 -0.20
C SER A 27 -17.00 6.81 -1.18
N LEU A 28 -18.29 6.46 -1.31
CA LEU A 28 -18.64 5.23 -2.03
C LEU A 28 -18.15 5.24 -3.49
N PRO A 29 -18.32 6.37 -4.22
CA PRO A 29 -17.82 6.37 -5.60
C PRO A 29 -16.30 6.33 -5.73
N PHE A 30 -15.58 6.49 -4.62
CA PHE A 30 -14.12 6.63 -4.61
C PHE A 30 -13.42 5.42 -3.99
N ARG A 31 -14.17 4.41 -3.53
CA ARG A 31 -13.56 3.25 -2.85
C ARG A 31 -12.97 2.24 -3.81
N GLN A 32 -13.19 2.43 -5.10
CA GLN A 32 -12.67 1.53 -6.11
C GLN A 32 -12.43 2.34 -7.38
N PRO A 33 -11.59 1.84 -8.28
CA PRO A 33 -11.28 2.61 -9.49
C PRO A 33 -12.50 2.76 -10.40
N VAL A 34 -12.56 3.87 -11.13
CA VAL A 34 -13.51 3.98 -12.22
C VAL A 34 -13.09 2.95 -13.28
N ASP A 35 -14.03 2.13 -13.76
CA ASP A 35 -13.71 1.17 -14.82
C ASP A 35 -14.51 1.56 -16.06
N PRO A 36 -13.88 2.31 -16.99
CA PRO A 36 -14.63 2.78 -18.17
C PRO A 36 -15.21 1.68 -19.03
N GLN A 37 -14.56 0.54 -19.05
CA GLN A 37 -15.06 -0.59 -19.85
C GLN A 37 -16.34 -1.16 -19.24
N LEU A 38 -16.39 -1.29 -17.93
CA LEU A 38 -17.60 -1.78 -17.29
C LEU A 38 -18.71 -0.75 -17.37
N LEU A 39 -18.36 0.52 -17.25
CA LEU A 39 -19.35 1.60 -17.30
C LEU A 39 -19.80 1.96 -18.70
N GLY A 40 -19.02 1.59 -19.71
CA GLY A 40 -19.25 2.05 -21.06
C GLY A 40 -19.16 3.56 -21.17
N ILE A 41 -18.07 4.12 -20.64
CA ILE A 41 -17.75 5.53 -20.87
C ILE A 41 -16.37 5.61 -21.49
N PRO A 42 -16.29 5.42 -22.81
CA PRO A 42 -14.94 5.33 -23.38
C PRO A 42 -14.19 6.66 -23.36
N ASP A 43 -14.89 7.77 -23.06
CA ASP A 43 -14.22 9.06 -23.02
C ASP A 43 -13.40 9.31 -21.75
N TYR A 44 -13.56 8.45 -20.76
CA TYR A 44 -12.99 8.75 -19.46
C TYR A 44 -11.47 8.91 -19.47
N PHE A 45 -10.75 7.95 -20.04
CA PHE A 45 -9.29 8.04 -20.05
C PHE A 45 -8.78 9.07 -21.05
N ASP A 46 -9.65 9.64 -21.90
CA ASP A 46 -9.27 10.80 -22.74
C ASP A 46 -9.16 12.10 -21.98
N ILE A 47 -9.82 12.14 -20.84
CA ILE A 47 -9.88 13.32 -20.02
C ILE A 47 -9.06 13.11 -18.76
N VAL A 48 -9.19 11.93 -18.17
CA VAL A 48 -8.50 11.58 -16.94
C VAL A 48 -7.30 10.70 -17.30
N LYS A 49 -6.14 11.36 -17.38
CA LYS A 49 -4.94 10.71 -17.87
C LYS A 49 -4.28 9.85 -16.81
N ASN A 50 -4.48 10.23 -15.55
CA ASN A 50 -3.87 9.55 -14.43
C ASN A 50 -4.91 9.24 -13.36
N PRO A 51 -5.61 8.13 -13.53
CA PRO A 51 -6.71 7.80 -12.61
C PRO A 51 -6.19 7.59 -11.20
N MET A 52 -7.02 7.87 -10.21
CA MET A 52 -6.66 7.58 -8.83
C MET A 52 -7.93 7.40 -8.02
N ASP A 53 -7.87 6.58 -6.99
CA ASP A 53 -9.01 6.32 -6.12
C ASP A 53 -8.50 5.90 -4.74
N LEU A 54 -9.38 5.75 -3.78
CA LEU A 54 -8.98 5.44 -2.40
C LEU A 54 -8.30 4.09 -2.30
N SER A 55 -8.75 3.11 -3.06
CA SER A 55 -8.15 1.77 -2.94
C SER A 55 -6.70 1.78 -3.41
N THR A 56 -6.41 2.57 -4.42
CA THR A 56 -5.07 2.65 -4.96
C THR A 56 -4.17 3.43 -4.00
N ILE A 57 -4.67 4.51 -3.43
CA ILE A 57 -3.94 5.26 -2.43
C ILE A 57 -3.66 4.38 -1.22
N LYS A 58 -4.62 3.62 -0.74
CA LYS A 58 -4.43 2.71 0.39
C LYS A 58 -3.31 1.69 0.09
N ARG A 59 -3.33 1.09 -1.09
CA ARG A 59 -2.33 0.11 -1.46
C ARG A 59 -0.96 0.77 -1.48
N LYS A 60 -0.84 1.97 -2.05
CA LYS A 60 0.44 2.66 -2.13
C LYS A 60 0.94 3.02 -0.73
N LEU A 61 0.05 3.46 0.13
CA LEU A 61 0.40 3.85 1.50
C LEU A 61 0.85 2.62 2.30
N ASP A 62 0.32 1.44 1.98
CA ASP A 62 0.62 0.19 2.68
C ASP A 62 1.90 -0.46 2.21
N THR A 63 2.42 -0.07 1.04
CA THR A 63 3.49 -0.83 0.39
C THR A 63 4.69 0.05 0.06
N GLY A 64 4.90 1.10 0.84
CA GLY A 64 6.09 1.89 0.73
C GLY A 64 6.26 2.68 -0.56
N GLN A 65 5.15 3.01 -1.23
CA GLN A 65 5.22 3.70 -2.50
C GLN A 65 5.34 5.22 -2.41
N TYR A 66 5.06 5.78 -1.23
CA TYR A 66 5.25 7.20 -0.99
C TYR A 66 6.48 7.40 -0.10
N GLN A 67 7.53 7.95 -0.69
CA GLN A 67 8.77 8.24 0.04
C GLN A 67 8.68 9.55 0.81
N GLU A 68 7.81 10.44 0.35
CA GLU A 68 7.63 11.73 0.99
C GLU A 68 6.14 12.02 1.09
N PRO A 69 5.72 12.66 2.19
CA PRO A 69 4.30 12.95 2.40
C PRO A 69 3.62 13.70 1.24
N TRP A 70 4.30 14.63 0.61
CA TRP A 70 3.70 15.39 -0.47
C TRP A 70 3.26 14.47 -1.60
N GLN A 71 3.89 13.30 -1.74
CA GLN A 71 3.51 12.37 -2.81
C GLN A 71 2.13 11.78 -2.54
N TYR A 72 1.83 11.51 -1.27
CA TYR A 72 0.51 11.04 -0.87
C TYR A 72 -0.52 12.15 -1.10
N VAL A 73 -0.20 13.35 -0.64
CA VAL A 73 -1.09 14.50 -0.84
C VAL A 73 -1.39 14.72 -2.33
N ASP A 74 -0.40 14.62 -3.19
CA ASP A 74 -0.63 14.77 -4.63
C ASP A 74 -1.63 13.74 -5.14
N ASP A 75 -1.56 12.51 -4.64
CA ASP A 75 -2.48 11.49 -5.15
C ASP A 75 -3.91 11.73 -4.68
N VAL A 76 -4.09 12.24 -3.47
CA VAL A 76 -5.44 12.56 -2.99
C VAL A 76 -6.04 13.68 -3.85
N TRP A 77 -5.27 14.72 -4.09
CA TRP A 77 -5.76 15.79 -4.97
C TRP A 77 -5.98 15.32 -6.39
N LEU A 78 -5.19 14.39 -6.88
CA LEU A 78 -5.37 13.84 -8.21
C LEU A 78 -6.76 13.20 -8.30
N MET A 79 -7.10 12.40 -7.30
CA MET A 79 -8.40 11.79 -7.23
C MET A 79 -9.50 12.83 -7.30
N PHE A 80 -9.37 13.87 -6.50
CA PHE A 80 -10.39 14.93 -6.46
C PHE A 80 -10.46 15.67 -7.80
N ASN A 81 -9.33 16.10 -8.32
CA ASN A 81 -9.31 16.87 -9.54
C ASN A 81 -9.81 16.09 -10.73
N ASN A 82 -9.54 14.79 -10.78
CA ASN A 82 -10.11 13.96 -11.81
C ASN A 82 -11.62 14.01 -11.77
N ALA A 83 -12.18 13.83 -10.58
CA ALA A 83 -13.65 13.78 -10.47
C ALA A 83 -14.27 15.14 -10.77
N TRP A 84 -13.60 16.21 -10.38
CA TRP A 84 -14.15 17.54 -10.61
C TRP A 84 -14.02 17.97 -12.06
N LEU A 85 -13.11 17.36 -12.81
CA LEU A 85 -12.96 17.63 -14.22
C LEU A 85 -13.93 16.84 -15.08
N TYR A 86 -14.18 15.58 -14.71
CA TYR A 86 -14.95 14.69 -15.55
C TYR A 86 -16.48 14.84 -15.37
N ASN A 87 -16.91 15.19 -14.15
CA ASN A 87 -18.32 15.12 -13.78
C ASN A 87 -18.96 16.49 -13.66
N ARG A 88 -20.26 16.53 -13.92
CA ARG A 88 -21.09 17.72 -13.76
CA ARG A 88 -20.96 17.79 -13.78
C ARG A 88 -21.00 18.26 -12.34
N LYS A 89 -21.00 19.57 -12.17
CA LYS A 89 -20.93 20.18 -10.84
C LYS A 89 -22.01 19.70 -9.87
N THR A 90 -23.23 19.51 -10.36
CA THR A 90 -24.29 19.09 -9.45
C THR A 90 -24.50 17.59 -9.44
N SER A 91 -23.64 16.82 -10.12
CA SER A 91 -23.70 15.39 -10.06
C SER A 91 -23.37 14.89 -8.65
N ARG A 92 -23.89 13.71 -8.34
CA ARG A 92 -23.58 13.07 -7.09
C ARG A 92 -22.07 12.92 -6.88
N VAL A 93 -21.35 12.44 -7.88
N VAL A 93 -21.37 12.41 -7.89
CA VAL A 93 -19.94 12.18 -7.69
CA VAL A 93 -19.92 12.20 -7.76
C VAL A 93 -19.15 13.47 -7.48
C VAL A 93 -19.24 13.51 -7.40
N TYR A 94 -19.55 14.57 -8.12
CA TYR A 94 -18.89 15.87 -7.88
C TYR A 94 -19.19 16.36 -6.47
N LYS A 95 -20.46 16.30 -6.05
CA LYS A 95 -20.82 16.77 -4.72
C LYS A 95 -20.12 15.91 -3.67
N PHE A 96 -20.06 14.59 -3.85
CA PHE A 96 -19.41 13.71 -2.90
C PHE A 96 -17.91 14.02 -2.85
N CYS A 97 -17.32 14.26 -4.02
CA CYS A 97 -15.91 14.64 -4.08
C CYS A 97 -15.65 15.88 -3.22
N SER A 98 -16.48 16.90 -3.38
CA SER A 98 -16.30 18.10 -2.60
C SER A 98 -16.35 17.87 -1.08
N LYS A 99 -17.21 16.98 -0.62
CA LYS A 99 -17.25 16.66 0.79
C LYS A 99 -15.93 15.99 1.21
N LEU A 100 -15.42 15.05 0.40
CA LEU A 100 -14.17 14.39 0.77
C LEU A 100 -13.05 15.42 0.83
N ALA A 101 -13.04 16.37 -0.10
CA ALA A 101 -11.98 17.37 -0.13
C ALA A 101 -12.05 18.25 1.12
N GLU A 102 -13.25 18.59 1.58
CA GLU A 102 -13.40 19.36 2.80
C GLU A 102 -12.81 18.60 3.99
N VAL A 103 -13.18 17.34 4.13
CA VAL A 103 -12.66 16.48 5.19
C VAL A 103 -11.16 16.36 5.08
N PHE A 104 -10.64 16.14 3.89
CA PHE A 104 -9.21 15.97 3.72
C PHE A 104 -8.44 17.19 4.17
N GLU A 105 -8.83 18.37 3.72
CA GLU A 105 -8.05 19.57 4.04
C GLU A 105 -8.04 19.79 5.55
N GLN A 106 -9.16 19.51 6.21
CA GLN A 106 -9.26 19.65 7.65
C GLN A 106 -8.29 18.70 8.36
N GLU A 107 -8.15 17.48 7.85
CA GLU A 107 -7.33 16.44 8.51
C GLU A 107 -5.85 16.55 8.17
N ILE A 108 -5.54 16.95 6.94
CA ILE A 108 -4.16 16.85 6.44
C ILE A 108 -3.29 18.00 6.91
N ASP A 109 -3.88 19.18 7.07
CA ASP A 109 -3.10 20.39 7.32
C ASP A 109 -2.22 20.25 8.58
N PRO A 110 -2.79 19.79 9.70
CA PRO A 110 -1.96 19.64 10.91
C PRO A 110 -0.95 18.49 10.82
N VAL A 111 -1.28 17.47 10.04
CA VAL A 111 -0.39 16.32 9.91
C VAL A 111 0.86 16.72 9.13
N MET A 112 0.68 17.51 8.09
CA MET A 112 1.81 17.88 7.26
C MET A 112 2.74 18.82 8.00
N GLN A 113 2.17 19.68 8.84
CA GLN A 113 2.99 20.57 9.66
C GLN A 113 3.80 19.77 10.66
N SER A 114 3.23 18.68 11.19
CA SER A 114 3.94 17.87 12.18
C SER A 114 5.02 17.00 11.55
N LEU A 115 4.95 16.80 10.23
CA LEU A 115 5.89 15.93 9.53
C LEU A 115 7.08 16.73 8.99
N ILE B 3 0.46 -6.12 -19.80
CA ILE B 3 0.38 -7.57 -19.66
C ILE B 3 1.69 -8.14 -19.13
N PHE B 4 1.60 -9.27 -18.42
CA PHE B 4 2.77 -9.94 -17.85
C PHE B 4 2.75 -11.44 -18.15
N LYS B 5 3.89 -11.97 -18.57
CA LYS B 5 4.06 -13.41 -18.65
C LYS B 5 4.53 -13.88 -17.28
N PRO B 6 3.71 -14.72 -16.61
CA PRO B 6 3.93 -15.18 -15.23
C PRO B 6 5.32 -15.73 -14.98
N GLU B 7 5.76 -16.66 -15.81
CA GLU B 7 7.06 -17.31 -15.64
C GLU B 7 8.20 -16.33 -15.75
N GLU B 8 8.08 -15.37 -16.68
CA GLU B 8 9.12 -14.35 -16.86
C GLU B 8 9.06 -13.39 -15.68
N LEU B 9 7.88 -13.25 -15.10
CA LEU B 9 7.70 -12.38 -13.96
C LEU B 9 8.38 -13.00 -12.76
N ARG B 10 8.16 -14.29 -12.58
CA ARG B 10 8.77 -15.07 -11.50
C ARG B 10 10.28 -14.93 -11.59
N GLN B 11 10.83 -15.09 -12.79
CA GLN B 11 12.26 -14.87 -12.98
C GLN B 11 12.66 -13.44 -12.59
N ALA B 12 11.77 -12.48 -12.81
CA ALA B 12 12.03 -11.09 -12.43
C ALA B 12 11.97 -10.84 -10.91
N LEU B 13 11.07 -11.54 -10.22
CA LEU B 13 10.83 -11.28 -8.80
C LEU B 13 11.75 -12.10 -7.88
N MET B 14 12.22 -13.23 -8.38
CA MET B 14 13.02 -14.15 -7.57
C MET B 14 14.23 -13.47 -6.93
N PRO B 15 15.00 -12.67 -7.70
CA PRO B 15 16.19 -12.03 -7.12
C PRO B 15 15.86 -11.08 -5.98
N THR B 16 14.66 -10.48 -6.01
CA THR B 16 14.26 -9.53 -4.97
C THR B 16 13.95 -10.30 -3.70
N LEU B 17 13.37 -11.49 -3.83
CA LEU B 17 13.08 -12.34 -2.69
C LEU B 17 14.38 -12.90 -2.13
N GLU B 18 15.27 -13.33 -3.01
CA GLU B 18 16.59 -13.80 -2.60
C GLU B 18 17.31 -12.72 -1.80
N ALA B 19 17.21 -11.47 -2.22
CA ALA B 19 17.87 -10.35 -1.53
C ALA B 19 17.38 -10.24 -0.09
N LEU B 20 16.10 -10.51 0.16
CA LEU B 20 15.60 -10.50 1.53
C LEU B 20 16.21 -11.67 2.32
N TYR B 21 16.15 -12.87 1.76
CA TYR B 21 16.76 -14.05 2.37
C TYR B 21 18.25 -13.85 2.70
N ARG B 22 18.97 -13.13 1.84
CA ARG B 22 20.41 -12.98 2.04
C ARG B 22 20.74 -12.17 3.29
N GLN B 23 19.79 -11.40 3.79
CA GLN B 23 20.07 -10.58 4.97
C GLN B 23 20.13 -11.44 6.22
N ASP B 24 21.31 -11.48 6.83
CA ASP B 24 21.57 -12.35 7.98
C ASP B 24 22.23 -11.51 9.05
N PRO B 25 21.66 -11.45 10.26
CA PRO B 25 20.57 -12.24 10.81
C PRO B 25 19.16 -11.68 10.56
N GLU B 26 19.04 -10.55 9.86
CA GLU B 26 17.77 -9.82 9.87
C GLU B 26 16.61 -10.58 9.26
N SER B 27 16.86 -11.46 8.30
CA SER B 27 15.78 -12.24 7.71
C SER B 27 15.41 -13.47 8.51
N LEU B 28 16.25 -13.86 9.46
CA LEU B 28 16.06 -15.18 10.07
C LEU B 28 14.67 -15.37 10.68
N PRO B 29 14.16 -14.37 11.42
CA PRO B 29 12.81 -14.56 12.00
C PRO B 29 11.70 -14.57 10.98
N PHE B 30 12.01 -14.17 9.75
CA PHE B 30 11.03 -14.08 8.69
C PHE B 30 11.10 -15.27 7.74
N ARG B 31 12.05 -16.18 7.99
CA ARG B 31 12.24 -17.31 7.08
C ARG B 31 11.31 -18.46 7.38
N GLN B 32 10.70 -18.45 8.57
CA GLN B 32 9.79 -19.49 9.02
C GLN B 32 8.50 -18.82 9.49
N PRO B 33 7.35 -19.45 9.23
CA PRO B 33 6.10 -18.89 9.75
C PRO B 33 6.14 -18.80 11.28
N VAL B 34 5.59 -17.72 11.83
CA VAL B 34 5.56 -17.52 13.27
C VAL B 34 4.70 -18.61 13.90
N ASP B 35 5.26 -19.30 14.89
CA ASP B 35 4.56 -20.29 15.68
C ASP B 35 4.45 -19.73 17.10
N PRO B 36 3.29 -19.16 17.46
CA PRO B 36 3.15 -18.45 18.74
C PRO B 36 3.39 -19.31 19.98
N GLN B 37 3.09 -20.60 19.89
CA GLN B 37 3.34 -21.52 20.99
C GLN B 37 4.83 -21.73 21.24
N LEU B 38 5.55 -22.13 20.20
CA LEU B 38 6.99 -22.31 20.29
C LEU B 38 7.69 -21.04 20.77
N LEU B 39 7.24 -19.90 20.27
CA LEU B 39 7.96 -18.66 20.54
C LEU B 39 7.43 -17.93 21.78
N GLY B 40 6.51 -18.57 22.50
CA GLY B 40 5.98 -18.01 23.75
C GLY B 40 5.36 -16.63 23.59
N ILE B 41 4.69 -16.42 22.47
CA ILE B 41 3.99 -15.17 22.21
C ILE B 41 2.53 -15.45 21.83
N PRO B 42 1.74 -15.94 22.80
CA PRO B 42 0.38 -16.44 22.54
C PRO B 42 -0.61 -15.39 22.02
N ASP B 43 -0.30 -14.12 22.19
CA ASP B 43 -1.18 -13.06 21.68
C ASP B 43 -0.96 -12.75 20.20
N TYR B 44 0.02 -13.42 19.58
CA TYR B 44 0.42 -13.08 18.22
C TYR B 44 -0.73 -13.09 17.21
N PHE B 45 -1.52 -14.16 17.18
CA PHE B 45 -2.57 -14.28 16.19
C PHE B 45 -3.78 -13.40 16.49
N ASP B 46 -3.90 -12.97 17.74
CA ASP B 46 -4.94 -12.02 18.12
C ASP B 46 -4.62 -10.66 17.51
N ILE B 47 -3.34 -10.32 17.39
CA ILE B 47 -2.93 -9.04 16.83
C ILE B 47 -2.72 -9.08 15.32
N VAL B 48 -2.10 -10.16 14.86
CA VAL B 48 -1.77 -10.34 13.46
C VAL B 48 -2.78 -11.32 12.87
N LYS B 49 -3.75 -10.78 12.16
CA LYS B 49 -4.85 -11.57 11.61
C LYS B 49 -4.49 -12.33 10.35
N ASN B 50 -3.53 -11.81 9.59
CA ASN B 50 -3.14 -12.40 8.31
C ASN B 50 -1.63 -12.60 8.25
N PRO B 51 -1.14 -13.69 8.86
CA PRO B 51 0.31 -13.94 8.89
C PRO B 51 0.92 -14.10 7.50
N MET B 52 2.17 -13.69 7.37
CA MET B 52 2.89 -13.87 6.11
C MET B 52 4.37 -13.94 6.45
N ASP B 53 5.13 -14.73 5.71
CA ASP B 53 6.57 -14.86 5.94
C ASP B 53 7.22 -15.22 4.61
N LEU B 54 8.55 -15.23 4.58
CA LEU B 54 9.28 -15.48 3.34
C LEU B 54 9.00 -16.84 2.75
N SER B 55 8.82 -17.87 3.58
CA SER B 55 8.67 -19.22 3.05
C SER B 55 7.34 -19.34 2.32
N THR B 56 6.32 -18.67 2.83
CA THR B 56 5.00 -18.69 2.23
C THR B 56 5.03 -17.88 0.94
N ILE B 57 5.71 -16.74 0.95
CA ILE B 57 5.85 -15.93 -0.25
C ILE B 57 6.58 -16.73 -1.34
N LYS B 58 7.61 -17.47 -0.95
CA LYS B 58 8.36 -18.28 -1.88
C LYS B 58 7.46 -19.35 -2.49
N ARG B 59 6.69 -20.03 -1.66
CA ARG B 59 5.78 -21.07 -2.16
C ARG B 59 4.75 -20.49 -3.15
N LYS B 60 4.18 -19.33 -2.83
CA LYS B 60 3.20 -18.69 -3.71
C LYS B 60 3.83 -18.31 -5.03
N LEU B 61 5.03 -17.75 -5.00
CA LEU B 61 5.75 -17.39 -6.20
C LEU B 61 6.00 -18.65 -7.03
N ASP B 62 6.41 -19.73 -6.37
CA ASP B 62 6.77 -20.95 -7.10
C ASP B 62 5.55 -21.67 -7.70
N THR B 63 4.35 -21.43 -7.16
CA THR B 63 3.16 -22.12 -7.64
C THR B 63 2.24 -21.22 -8.47
N GLY B 64 2.76 -20.09 -8.94
CA GLY B 64 2.06 -19.25 -9.89
C GLY B 64 0.94 -18.40 -9.33
N GLN B 65 1.04 -18.01 -8.06
CA GLN B 65 0.00 -17.18 -7.46
C GLN B 65 0.24 -15.67 -7.70
N TYR B 66 1.45 -15.26 -8.09
CA TYR B 66 1.71 -13.85 -8.43
C TYR B 66 1.77 -13.59 -9.94
N GLN B 67 0.69 -13.02 -10.48
CA GLN B 67 0.61 -12.78 -11.92
C GLN B 67 0.84 -11.31 -12.30
N GLU B 68 0.81 -10.42 -11.31
CA GLU B 68 1.21 -9.04 -11.51
C GLU B 68 2.12 -8.67 -10.35
N PRO B 69 3.12 -7.81 -10.59
CA PRO B 69 4.09 -7.46 -9.55
C PRO B 69 3.42 -7.04 -8.25
N TRP B 70 2.32 -6.30 -8.34
CA TRP B 70 1.74 -5.72 -7.14
C TRP B 70 1.24 -6.77 -6.15
N GLN B 71 0.85 -7.94 -6.62
CA GLN B 71 0.36 -8.99 -5.74
C GLN B 71 1.49 -9.52 -4.85
N TYR B 72 2.68 -9.61 -5.43
CA TYR B 72 3.87 -10.04 -4.70
C TYR B 72 4.26 -8.98 -3.68
N VAL B 73 4.29 -7.73 -4.13
CA VAL B 73 4.60 -6.60 -3.26
C VAL B 73 3.62 -6.54 -2.07
N ASP B 74 2.33 -6.80 -2.31
CA ASP B 74 1.34 -6.78 -1.25
C ASP B 74 1.74 -7.75 -0.13
N ASP B 75 2.17 -8.96 -0.51
CA ASP B 75 2.51 -9.95 0.49
C ASP B 75 3.81 -9.61 1.24
N VAL B 76 4.80 -9.09 0.53
CA VAL B 76 6.06 -8.67 1.18
C VAL B 76 5.74 -7.62 2.25
N TRP B 77 4.89 -6.67 1.89
CA TRP B 77 4.54 -5.61 2.85
C TRP B 77 3.57 -6.05 3.93
N LEU B 78 2.75 -7.06 3.68
CA LEU B 78 1.96 -7.67 4.74
C LEU B 78 2.91 -8.22 5.81
N MET B 79 3.96 -8.91 5.37
CA MET B 79 4.95 -9.43 6.28
C MET B 79 5.61 -8.30 7.08
N PHE B 80 6.06 -7.23 6.42
CA PHE B 80 6.67 -6.11 7.11
C PHE B 80 5.68 -5.46 8.09
N ASN B 81 4.50 -5.15 7.59
CA ASN B 81 3.53 -4.43 8.40
C ASN B 81 3.13 -5.26 9.62
N ASN B 82 3.03 -6.57 9.46
CA ASN B 82 2.74 -7.42 10.62
C ASN B 82 3.82 -7.33 11.67
N ALA B 83 5.09 -7.35 11.25
CA ALA B 83 6.20 -7.29 12.22
C ALA B 83 6.28 -5.94 12.90
N TRP B 84 6.07 -4.86 12.14
CA TRP B 84 6.10 -3.55 12.77
C TRP B 84 4.93 -3.37 13.71
N LEU B 85 3.83 -4.05 13.43
CA LEU B 85 2.65 -3.94 14.30
C LEU B 85 2.85 -4.71 15.61
N TYR B 86 3.28 -5.96 15.51
CA TYR B 86 3.35 -6.84 16.67
C TYR B 86 4.52 -6.49 17.61
N ASN B 87 5.65 -6.16 17.03
CA ASN B 87 6.87 -5.91 17.81
C ASN B 87 7.01 -4.45 18.19
N ARG B 88 7.63 -4.19 19.34
CA ARG B 88 7.83 -2.81 19.79
C ARG B 88 8.91 -2.12 18.97
N LYS B 89 8.81 -0.81 18.87
CA LYS B 89 9.74 -0.03 18.07
C LYS B 89 11.20 -0.20 18.56
N THR B 90 11.38 -0.52 19.84
CA THR B 90 12.70 -0.65 20.46
C THR B 90 13.24 -2.06 20.37
N SER B 91 12.48 -2.96 19.76
CA SER B 91 12.82 -4.39 19.75
C SER B 91 13.71 -4.80 18.57
N ARG B 92 14.41 -5.91 18.80
CA ARG B 92 15.24 -6.55 17.77
C ARG B 92 14.49 -6.80 16.47
N VAL B 93 13.35 -7.47 16.54
CA VAL B 93 12.65 -7.93 15.33
C VAL B 93 12.06 -6.72 14.59
N TYR B 94 11.60 -5.71 15.31
CA TYR B 94 11.11 -4.51 14.63
C TYR B 94 12.22 -3.91 13.78
N LYS B 95 13.43 -3.81 14.33
CA LYS B 95 14.51 -3.19 13.62
C LYS B 95 15.01 -4.08 12.47
N PHE B 96 14.94 -5.39 12.66
CA PHE B 96 15.25 -6.33 11.57
C PHE B 96 14.29 -6.03 10.42
N CYS B 97 13.02 -5.86 10.75
CA CYS B 97 12.03 -5.55 9.71
C CYS B 97 12.38 -4.28 8.96
N SER B 98 12.76 -3.23 9.67
CA SER B 98 13.15 -1.99 9.02
C SER B 98 14.30 -2.19 8.06
N LYS B 99 15.27 -3.04 8.45
CA LYS B 99 16.37 -3.34 7.55
C LYS B 99 15.88 -4.04 6.28
N LEU B 100 15.01 -5.04 6.44
CA LEU B 100 14.45 -5.73 5.26
C LEU B 100 13.70 -4.76 4.35
N ALA B 101 12.96 -3.82 4.92
CA ALA B 101 12.19 -2.88 4.10
C ALA B 101 13.11 -1.96 3.33
N GLU B 102 14.22 -1.53 3.96
CA GLU B 102 15.23 -0.74 3.27
C GLU B 102 15.80 -1.51 2.07
N VAL B 103 16.16 -2.76 2.31
CA VAL B 103 16.66 -3.60 1.24
C VAL B 103 15.62 -3.78 0.11
N PHE B 104 14.37 -4.07 0.48
CA PHE B 104 13.37 -4.34 -0.54
C PHE B 104 13.18 -3.16 -1.47
N GLU B 105 13.19 -1.95 -0.93
CA GLU B 105 13.00 -0.75 -1.72
C GLU B 105 14.03 -0.70 -2.82
N GLN B 106 15.29 -0.99 -2.47
CA GLN B 106 16.36 -0.98 -3.46
C GLN B 106 16.15 -2.05 -4.53
N GLU B 107 15.69 -3.22 -4.14
CA GLU B 107 15.55 -4.33 -5.05
C GLU B 107 14.37 -4.16 -6.00
N ILE B 108 13.25 -3.64 -5.49
CA ILE B 108 12.00 -3.69 -6.23
C ILE B 108 11.80 -2.52 -7.17
N ASP B 109 12.29 -1.34 -6.78
CA ASP B 109 12.12 -0.14 -7.58
C ASP B 109 12.51 -0.35 -9.04
N PRO B 110 13.76 -0.75 -9.29
CA PRO B 110 14.18 -1.01 -10.67
C PRO B 110 13.42 -2.17 -11.31
N VAL B 111 13.18 -3.21 -10.53
CA VAL B 111 12.43 -4.35 -11.03
C VAL B 111 11.07 -3.92 -11.57
N MET B 112 10.49 -2.87 -11.01
CA MET B 112 9.21 -2.39 -11.49
C MET B 112 9.31 -1.13 -12.36
N GLN B 113 10.51 -0.57 -12.47
CA GLN B 113 10.73 0.46 -13.47
C GLN B 113 10.62 -0.20 -14.84
N SER B 114 10.76 -1.52 -14.85
CA SER B 114 10.64 -2.32 -16.06
C SER B 114 9.65 -1.68 -17.04
C1 PEG C . -21.68 1.51 -3.36
O1 PEG C . -20.82 1.03 -2.35
C2 PEG C . -22.14 2.93 -3.15
O2 PEG C . -22.47 3.51 -4.42
C3 PEG C . -21.69 4.69 -4.65
C4 PEG C . -20.71 4.62 -5.81
O4 PEG C . -21.20 5.28 -6.98
C1 EDO D . -24.18 13.39 -14.43
O1 EDO D . -24.82 12.34 -15.17
C2 EDO D . -25.06 14.63 -14.19
O2 EDO D . -25.83 14.74 -12.98
C1 EDO E . -10.29 -1.04 -12.59
O1 EDO E . -11.39 -1.72 -11.97
C2 EDO E . -10.82 -0.17 -13.73
O2 EDO E . -9.94 0.92 -14.06
C1 EDO F . -12.29 22.88 -8.13
O1 EDO F . -12.48 22.15 -9.35
C2 EDO F . -13.03 22.22 -6.96
O2 EDO F . -14.45 22.18 -7.21
C1 EDO G . 9.78 -16.58 13.43
O1 EDO G . 9.05 -17.69 12.92
C2 EDO G . 8.94 -15.81 14.43
O2 EDO G . 9.29 -14.44 14.32
#